data_4JNQ
#
_entry.id   4JNQ
#
_cell.length_a   44.790
_cell.length_b   77.190
_cell.length_c   104.080
_cell.angle_alpha   90.000
_cell.angle_beta   90.000
_cell.angle_gamma   90.000
#
_symmetry.space_group_name_H-M   'P 2 21 21'
#
loop_
_entity.id
_entity.type
_entity.pdbx_description
1 polymer 'Thioredoxin reductase'
2 non-polymer 'DIHYDROFLAVINE-ADENINE DINUCLEOTIDE'
3 non-polymer 'SODIUM ION'
4 water water
#
_entity_poly.entity_id   1
_entity_poly.type   'polypeptide(L)'
_entity_poly.pdbx_seq_one_letter_code
;MAHHHHHHMGTLEAQTQGPGSMTQRHAPVIVIGSGPAGYTAAIYAARAMLKPVVIAGLQQGGQLMITTDVENYPGYAEPV
QGPWMMEQMARQAENVGAQIVHDIITEVETTVRPFRLKGDSGTIYTCDALIIATGAQAKWLGLESEQTFMGGGVSACATC
DGFFYRGKDVVVVGGGNTAVEEALYLSHIAKSVTIVHRRDGFRAEKIMQDRLLSRENVSVVWNSVIDEILGTEARPPMGA
TVTGVRLKNIVTGETQERATHGVFIAIGHAPAVSLFEGKLKQKPNGYLWTAPDSTATDVPGIFAAGDVTDDIYRQAVTAA
GMGCMAALEAERWLAAQEPLHEAAE
;
_entity_poly.pdbx_strand_id   A
#
loop_
_chem_comp.id
_chem_comp.type
_chem_comp.name
_chem_comp.formula
FDA non-polymer 'DIHYDROFLAVINE-ADENINE DINUCLEOTIDE' 'C27 H35 N9 O15 P2'
NA non-polymer 'SODIUM ION' 'Na 1'
#
# COMPACT_ATOMS: atom_id res chain seq x y z
N SER A 21 6.06 -9.03 30.37
CA SER A 21 5.80 -7.72 29.71
C SER A 21 4.81 -6.86 30.52
N MET A 22 4.71 -5.59 30.18
CA MET A 22 3.79 -4.71 30.89
C MET A 22 2.35 -5.17 30.83
N THR A 23 1.64 -5.03 31.94
CA THR A 23 0.24 -5.46 31.99
C THR A 23 -0.62 -4.57 31.13
N GLN A 24 -0.43 -3.27 31.30
CA GLN A 24 -1.29 -2.27 30.70
C GLN A 24 -0.56 -0.93 30.57
N ARG A 25 -0.83 -0.20 29.50
CA ARG A 25 -0.11 1.04 29.24
C ARG A 25 -0.98 2.01 28.48
N HIS A 26 -1.10 3.24 28.96
CA HIS A 26 -1.95 4.25 28.38
C HIS A 26 -1.15 5.32 27.67
N ALA A 27 -1.63 5.74 26.51
CA ALA A 27 -1.15 6.95 25.83
C ALA A 27 -2.36 7.74 25.36
N PRO A 28 -2.25 9.06 25.25
CA PRO A 28 -3.40 9.78 24.75
C PRO A 28 -3.77 9.40 23.31
N VAL A 29 -2.76 9.24 22.47
CA VAL A 29 -2.95 8.74 21.11
C VAL A 29 -2.08 7.53 20.92
N ILE A 30 -2.65 6.50 20.33
CA ILE A 30 -1.89 5.38 19.79
C ILE A 30 -2.07 5.33 18.28
N VAL A 31 -0.97 5.13 17.58
CA VAL A 31 -0.97 4.94 16.13
C VAL A 31 -0.62 3.50 15.84
N ILE A 32 -1.46 2.80 15.07
CA ILE A 32 -1.15 1.43 14.70
C ILE A 32 -0.55 1.46 13.31
N GLY A 33 0.75 1.24 13.23
CA GLY A 33 1.44 1.21 11.95
C GLY A 33 2.60 2.16 11.90
N SER A 34 3.69 1.74 11.26
CA SER A 34 4.89 2.54 11.13
C SER A 34 5.35 2.71 9.68
N GLY A 35 4.40 2.92 8.79
CA GLY A 35 4.69 3.44 7.46
C GLY A 35 4.60 4.96 7.47
N PRO A 36 4.62 5.61 6.29
CA PRO A 36 4.62 7.05 6.23
C PRO A 36 3.34 7.66 6.86
N ALA A 37 2.20 7.00 6.71
CA ALA A 37 1.00 7.52 7.42
C ALA A 37 1.17 7.54 8.94
N GLY A 38 1.62 6.41 9.50
CA GLY A 38 1.76 6.26 10.96
C GLY A 38 2.82 7.19 11.50
N TYR A 39 3.96 7.28 10.82
CA TYR A 39 5.00 8.14 11.33
C TYR A 39 4.58 9.60 11.27
N THR A 40 3.89 10.01 10.20
CA THR A 40 3.50 11.38 10.10
C THR A 40 2.48 11.73 11.17
N ALA A 41 1.54 10.82 11.42
CA ALA A 41 0.56 11.00 12.49
C ALA A 41 1.32 11.17 13.80
N ALA A 42 2.34 10.35 14.00
CA ALA A 42 3.11 10.41 15.26
C ALA A 42 3.87 11.72 15.42
N ILE A 43 4.47 12.23 14.35
CA ILE A 43 5.21 13.48 14.35
C ILE A 43 4.28 14.61 14.78
N TYR A 44 3.12 14.71 14.15
CA TYR A 44 2.18 15.79 14.47
C TYR A 44 1.57 15.61 15.85
N ALA A 45 1.27 14.37 16.24
CA ALA A 45 0.68 14.17 17.57
C ALA A 45 1.70 14.51 18.65
N ALA A 46 2.94 14.14 18.41
CA ALA A 46 4.01 14.43 19.42
C ALA A 46 4.22 15.95 19.53
N ARG A 47 4.19 16.66 18.41
CA ARG A 47 4.36 18.11 18.46
C ARG A 47 3.17 18.86 19.03
N ALA A 48 2.01 18.20 19.16
CA ALA A 48 0.84 18.71 19.87
C ALA A 48 0.78 18.27 21.35
N MET A 49 1.87 17.68 21.81
CA MET A 49 2.03 17.19 23.18
C MET A 49 1.04 16.11 23.55
N LEU A 50 0.73 15.24 22.58
CA LEU A 50 -0.18 14.14 22.85
C LEU A 50 0.57 12.84 23.10
N LYS A 51 1.89 12.89 23.20
CA LYS A 51 2.69 11.76 23.69
C LYS A 51 2.31 10.42 23.03
N PRO A 52 2.35 10.39 21.70
CA PRO A 52 1.84 9.21 21.02
C PRO A 52 2.77 8.03 21.10
N VAL A 53 2.18 6.85 21.04
CA VAL A 53 2.89 5.60 20.91
C VAL A 53 2.55 5.01 19.58
N VAL A 54 3.58 4.59 18.86
CA VAL A 54 3.39 3.93 17.59
C VAL A 54 3.62 2.44 17.76
N ILE A 55 2.65 1.63 17.36
CA ILE A 55 2.83 0.16 17.40
C ILE A 55 3.38 -0.20 16.03
N ALA A 56 4.63 -0.68 15.98
CA ALA A 56 5.32 -0.78 14.68
C ALA A 56 4.79 -1.86 13.73
N GLY A 57 4.33 -2.96 14.32
CA GLY A 57 3.82 -4.08 13.56
C GLY A 57 4.93 -4.99 13.07
N LEU A 58 4.56 -5.86 12.14
CA LEU A 58 5.48 -6.87 11.61
C LEU A 58 6.54 -6.26 10.66
N GLN A 59 6.21 -5.16 9.98
CA GLN A 59 7.15 -4.53 9.05
C GLN A 59 7.39 -3.09 9.47
N GLN A 60 8.36 -2.86 10.35
CA GLN A 60 8.63 -1.49 10.81
C GLN A 60 9.10 -0.72 9.60
N GLY A 61 8.44 0.42 9.33
CA GLY A 61 8.75 1.21 8.14
C GLY A 61 7.81 1.00 6.98
N GLY A 62 7.00 -0.06 7.00
CA GLY A 62 5.95 -0.30 6.03
C GLY A 62 6.46 -0.74 4.69
N GLN A 63 5.59 -0.63 3.70
CA GLN A 63 5.78 -1.29 2.40
C GLN A 63 6.98 -0.69 1.65
N LEU A 64 7.36 0.55 1.97
CA LEU A 64 8.53 1.14 1.31
C LEU A 64 9.81 0.38 1.69
N MET A 65 9.76 -0.46 2.73
CA MET A 65 10.91 -1.27 3.08
C MET A 65 11.35 -2.21 1.94
N ILE A 66 10.47 -2.56 1.03
CA ILE A 66 10.86 -3.48 -0.03
C ILE A 66 11.23 -2.78 -1.36
N THR A 67 11.39 -1.46 -1.36
CA THR A 67 11.93 -0.78 -2.52
C THR A 67 13.23 -0.03 -2.26
N THR A 68 14.17 -0.10 -3.21
CA THR A 68 15.46 0.60 -3.13
C THR A 68 15.51 1.85 -4.00
N ASP A 69 14.38 2.17 -4.62
CA ASP A 69 14.38 3.26 -5.56
C ASP A 69 13.13 4.10 -5.46
N VAL A 70 13.16 5.10 -4.59
CA VAL A 70 12.06 6.09 -4.48
C VAL A 70 12.45 7.43 -5.10
N GLU A 71 11.64 7.91 -6.04
CA GLU A 71 11.97 9.12 -6.79
C GLU A 71 10.89 10.18 -6.80
N ASN A 72 9.70 9.83 -6.36
CA ASN A 72 8.55 10.73 -6.38
C ASN A 72 8.07 11.20 -4.97
N TYR A 73 8.82 10.92 -3.91
CA TYR A 73 8.49 11.49 -2.60
C TYR A 73 9.11 12.86 -2.53
N PRO A 74 8.28 13.91 -2.46
CA PRO A 74 8.80 15.25 -2.63
C PRO A 74 9.67 15.76 -1.47
N GLY A 75 10.81 16.33 -1.83
CA GLY A 75 11.76 16.84 -0.83
C GLY A 75 13.16 16.20 -0.87
N TYR A 76 13.36 15.27 -1.77
CA TYR A 76 14.68 14.63 -1.98
C TYR A 76 15.09 14.91 -3.42
N ALA A 77 16.14 15.70 -3.63
CA ALA A 77 16.59 15.99 -5.02
C ALA A 77 16.97 14.77 -5.85
N GLU A 78 17.58 13.78 -5.22
CA GLU A 78 17.99 12.55 -5.90
C GLU A 78 17.20 11.36 -5.38
N PRO A 79 17.20 10.25 -6.14
CA PRO A 79 16.53 9.06 -5.67
C PRO A 79 17.07 8.57 -4.34
N VAL A 80 16.18 8.01 -3.53
CA VAL A 80 16.55 7.44 -2.23
C VAL A 80 16.08 6.01 -2.13
N GLN A 81 16.64 5.28 -1.16
CA GLN A 81 16.14 3.96 -0.89
C GLN A 81 15.00 4.05 0.14
N GLY A 82 14.04 3.16 0.00
CA GLY A 82 12.88 3.14 0.92
C GLY A 82 13.29 3.02 2.38
N PRO A 83 14.15 2.03 2.72
CA PRO A 83 14.60 1.87 4.10
C PRO A 83 15.26 3.09 4.66
N TRP A 84 16.01 3.83 3.83
CA TRP A 84 16.70 4.99 4.31
C TRP A 84 15.67 6.11 4.66
N MET A 85 14.77 6.36 3.74
CA MET A 85 13.68 7.33 3.97
C MET A 85 12.89 7.01 5.26
N MET A 86 12.53 5.76 5.45
CA MET A 86 11.71 5.35 6.58
C MET A 86 12.48 5.38 7.90
N GLU A 87 13.81 5.19 7.84
CA GLU A 87 14.66 5.45 8.99
C GLU A 87 14.67 6.90 9.35
N GLN A 88 14.71 7.79 8.36
CA GLN A 88 14.65 9.24 8.65
CA GLN A 88 14.63 9.23 8.61
C GLN A 88 13.33 9.60 9.34
N MET A 89 12.23 9.03 8.87
CA MET A 89 10.91 9.31 9.48
C MET A 89 10.81 8.78 10.90
N ALA A 90 11.36 7.58 11.14
CA ALA A 90 11.35 6.99 12.46
C ALA A 90 12.16 7.84 13.44
N ARG A 91 13.38 8.23 13.03
CA ARG A 91 14.21 9.13 13.82
C ARG A 91 13.52 10.45 14.12
N GLN A 92 12.86 11.04 13.12
CA GLN A 92 12.16 12.30 13.26
C GLN A 92 11.07 12.16 14.31
N ALA A 93 10.32 11.05 14.21
CA ALA A 93 9.20 10.86 15.09
C ALA A 93 9.68 10.74 16.55
N GLU A 94 10.72 9.96 16.77
CA GLU A 94 11.27 9.87 18.13
C GLU A 94 11.93 11.15 18.58
N ASN A 95 12.57 11.90 17.68
CA ASN A 95 13.18 13.19 18.04
C ASN A 95 12.16 14.19 18.57
N VAL A 96 10.94 14.20 18.01
CA VAL A 96 9.90 15.13 18.43
C VAL A 96 9.03 14.59 19.56
N GLY A 97 9.31 13.39 20.03
CA GLY A 97 8.70 12.87 21.25
C GLY A 97 7.77 11.67 21.12
N ALA A 98 7.64 11.11 19.91
CA ALA A 98 6.88 9.86 19.75
C ALA A 98 7.67 8.67 20.27
N GLN A 99 6.97 7.62 20.63
CA GLN A 99 7.64 6.43 21.08
C GLN A 99 7.23 5.26 20.23
N ILE A 100 8.20 4.59 19.66
CA ILE A 100 7.93 3.43 18.84
C ILE A 100 8.05 2.17 19.67
N VAL A 101 7.00 1.36 19.59
CA VAL A 101 6.90 0.12 20.34
C VAL A 101 6.88 -1.02 19.35
N HIS A 102 7.70 -2.02 19.62
CA HIS A 102 7.80 -3.21 18.81
C HIS A 102 6.80 -4.24 19.29
N ASP A 103 5.66 -4.29 18.64
CA ASP A 103 4.56 -5.16 18.98
C ASP A 103 3.63 -5.15 17.79
N ILE A 104 2.68 -6.07 17.83
CA ILE A 104 1.68 -6.20 16.80
C ILE A 104 0.34 -6.20 17.54
N ILE A 105 -0.60 -5.40 17.08
CA ILE A 105 -1.93 -5.42 17.68
C ILE A 105 -2.75 -6.61 17.13
N THR A 106 -3.35 -7.36 18.05
CA THR A 106 -4.13 -8.56 17.71
C THR A 106 -5.61 -8.41 17.99
N GLU A 107 -5.99 -7.41 18.76
CA GLU A 107 -7.38 -7.13 18.97
C GLU A 107 -7.59 -5.68 19.34
N VAL A 108 -8.71 -5.12 18.90
CA VAL A 108 -9.08 -3.77 19.21
C VAL A 108 -10.53 -3.72 19.67
N GLU A 109 -10.77 -3.07 20.81
CA GLU A 109 -12.12 -2.89 21.34
C GLU A 109 -12.53 -1.48 21.00
N THR A 110 -13.46 -1.36 20.06
CA THR A 110 -13.84 -0.07 19.48
C THR A 110 -15.08 0.54 20.16
N THR A 111 -15.65 -0.14 21.17
CA THR A 111 -16.88 0.34 21.79
C THR A 111 -16.70 0.75 23.24
N VAL A 112 -15.45 0.87 23.65
CA VAL A 112 -15.12 1.28 25.01
C VAL A 112 -14.28 2.54 24.98
N ARG A 113 -14.23 3.22 26.13
CA ARG A 113 -13.50 4.47 26.26
C ARG A 113 -12.81 4.44 27.62
N PRO A 114 -11.45 4.56 27.67
CA PRO A 114 -10.52 4.66 26.55
C PRO A 114 -10.54 3.40 25.68
N PHE A 115 -10.17 3.58 24.41
CA PHE A 115 -10.04 2.44 23.53
C PHE A 115 -8.98 1.49 24.06
N ARG A 116 -9.18 0.20 23.84
CA ARG A 116 -8.33 -0.84 24.36
C ARG A 116 -7.80 -1.70 23.23
N LEU A 117 -6.50 -1.90 23.22
CA LEU A 117 -5.87 -2.75 22.24
C LEU A 117 -5.09 -3.84 22.97
N LYS A 118 -5.08 -5.03 22.39
CA LYS A 118 -4.26 -6.14 22.88
C LYS A 118 -3.09 -6.34 21.95
N GLY A 119 -1.89 -6.39 22.52
CA GLY A 119 -0.70 -6.73 21.75
C GLY A 119 -0.39 -8.22 21.76
N ASP A 120 0.34 -8.66 20.75
CA ASP A 120 0.81 -10.04 20.70
C ASP A 120 1.69 -10.35 21.91
N SER A 121 2.35 -9.32 22.42
CA SER A 121 3.12 -9.39 23.67
C SER A 121 2.27 -9.78 24.91
N GLY A 122 0.96 -9.60 24.83
CA GLY A 122 0.07 -9.71 25.98
C GLY A 122 -0.30 -8.39 26.65
N THR A 123 0.42 -7.32 26.34
CA THR A 123 0.17 -6.03 26.88
C THR A 123 -1.17 -5.48 26.39
N ILE A 124 -1.87 -4.84 27.29
CA ILE A 124 -3.10 -4.15 26.98
C ILE A 124 -2.76 -2.69 26.84
N TYR A 125 -2.96 -2.13 25.65
CA TYR A 125 -2.76 -0.73 25.43
C TYR A 125 -4.07 0.01 25.54
N THR A 126 -4.06 1.21 26.13
CA THR A 126 -5.27 2.02 26.14
C THR A 126 -4.95 3.40 25.60
N CYS A 127 -5.95 3.99 24.94
CA CYS A 127 -5.76 5.32 24.36
C CYS A 127 -7.04 6.11 24.27
N ASP A 128 -6.91 7.43 24.33
CA ASP A 128 -8.09 8.31 24.25
C ASP A 128 -8.52 8.51 22.79
N ALA A 129 -7.56 8.48 21.87
CA ALA A 129 -7.84 8.46 20.44
C ALA A 129 -6.91 7.44 19.77
N LEU A 130 -7.43 6.86 18.70
CA LEU A 130 -6.76 5.84 17.95
C LEU A 130 -6.61 6.24 16.50
N ILE A 131 -5.40 6.10 15.98
CA ILE A 131 -5.12 6.31 14.57
C ILE A 131 -4.65 5.01 13.95
N ILE A 132 -5.42 4.55 12.99
CA ILE A 132 -5.17 3.31 12.29
C ILE A 132 -4.39 3.61 11.01
N ALA A 133 -3.19 3.05 10.88
CA ALA A 133 -2.35 3.29 9.68
C ALA A 133 -1.70 1.97 9.23
N THR A 134 -2.54 0.96 9.06
CA THR A 134 -2.08 -0.41 8.86
C THR A 134 -1.78 -0.79 7.41
N GLY A 135 -2.04 0.08 6.48
CA GLY A 135 -1.65 -0.12 5.10
C GLY A 135 -2.56 -1.03 4.28
N ALA A 136 -2.16 -1.25 3.03
CA ALA A 136 -2.83 -2.17 2.08
C ALA A 136 -1.83 -2.69 1.09
N GLN A 137 -1.19 -3.84 1.42
CA GLN A 137 -0.13 -4.41 0.62
C GLN A 137 -0.62 -4.83 -0.77
N ALA A 138 0.17 -4.52 -1.79
CA ALA A 138 -0.01 -5.11 -3.13
C ALA A 138 -0.04 -6.60 -3.00
N LYS A 139 -0.95 -7.22 -3.72
CA LYS A 139 -0.94 -8.67 -3.85
C LYS A 139 0.01 -9.12 -4.97
N TRP A 140 0.64 -10.27 -4.76
CA TRP A 140 1.57 -10.86 -5.73
C TRP A 140 1.05 -12.20 -6.25
N LEU A 141 1.61 -12.66 -7.36
CA LEU A 141 1.17 -13.92 -7.92
C LEU A 141 1.57 -15.14 -7.09
N GLY A 142 2.67 -15.02 -6.39
CA GLY A 142 3.21 -16.12 -5.59
C GLY A 142 4.31 -16.90 -6.30
N LEU A 143 4.94 -16.27 -7.30
CA LEU A 143 6.03 -16.92 -8.04
C LEU A 143 7.36 -16.57 -7.44
N GLU A 144 8.24 -17.57 -7.30
CA GLU A 144 9.64 -17.29 -6.95
C GLU A 144 10.29 -16.30 -7.88
N SER A 145 9.96 -16.36 -9.17
CA SER A 145 10.56 -15.43 -10.10
C SER A 145 10.13 -13.96 -9.86
N GLU A 146 8.99 -13.75 -9.21
CA GLU A 146 8.65 -12.37 -8.80
C GLU A 146 9.70 -11.80 -7.89
N GLN A 147 10.12 -12.58 -6.88
CA GLN A 147 11.21 -12.14 -6.00
C GLN A 147 12.52 -11.93 -6.74
N THR A 148 12.90 -12.92 -7.54
CA THR A 148 14.18 -12.84 -8.27
C THR A 148 14.35 -11.54 -9.06
N PHE A 149 13.27 -11.12 -9.73
CA PHE A 149 13.31 -9.97 -10.61
C PHE A 149 12.76 -8.68 -9.98
N MET A 150 12.44 -8.73 -8.69
CA MET A 150 11.90 -7.55 -7.98
C MET A 150 12.84 -6.37 -8.14
N GLY A 151 12.32 -5.25 -8.60
CA GLY A 151 13.16 -4.11 -8.90
C GLY A 151 14.07 -4.25 -10.13
N GLY A 152 14.09 -5.42 -10.79
CA GLY A 152 14.83 -5.58 -12.06
C GLY A 152 13.87 -5.88 -13.24
N GLY A 153 12.68 -5.31 -13.17
CA GLY A 153 11.65 -5.54 -14.18
C GLY A 153 10.35 -6.06 -13.64
N VAL A 154 10.25 -6.39 -12.36
CA VAL A 154 8.99 -6.76 -11.75
C VAL A 154 8.65 -5.62 -10.79
N SER A 155 7.43 -5.14 -10.90
CA SER A 155 6.92 -4.03 -10.10
C SER A 155 5.46 -4.30 -9.80
N ALA A 156 4.94 -3.71 -8.71
CA ALA A 156 3.51 -3.68 -8.46
C ALA A 156 2.98 -2.23 -8.44
N CYS A 157 3.76 -1.29 -8.98
CA CYS A 157 3.32 0.10 -8.99
C CYS A 157 3.78 0.86 -10.23
N ALA A 158 2.86 1.09 -11.15
CA ALA A 158 3.14 1.74 -12.40
C ALA A 158 3.48 3.20 -12.19
N THR A 159 2.82 3.83 -11.23
CA THR A 159 3.15 5.21 -10.90
C THR A 159 4.61 5.34 -10.52
N CYS A 160 5.09 4.40 -9.71
CA CYS A 160 6.44 4.36 -9.23
C CYS A 160 7.46 4.11 -10.34
N ASP A 161 7.20 3.10 -11.17
CA ASP A 161 8.26 2.56 -12.05
C ASP A 161 8.03 2.72 -13.54
N GLY A 162 6.83 3.14 -13.91
CA GLY A 162 6.47 3.26 -15.31
C GLY A 162 7.44 4.10 -16.12
N PHE A 163 7.93 5.18 -15.50
CA PHE A 163 8.81 6.13 -16.14
C PHE A 163 10.03 5.44 -16.77
N PHE A 164 10.56 4.45 -16.06
CA PHE A 164 11.75 3.70 -16.53
C PHE A 164 11.51 2.89 -17.80
N TYR A 165 10.24 2.70 -18.18
CA TYR A 165 9.84 1.83 -19.31
C TYR A 165 9.38 2.62 -20.50
N ARG A 166 9.74 3.90 -20.50
CA ARG A 166 9.60 4.78 -21.65
C ARG A 166 10.09 4.08 -22.91
N GLY A 167 9.20 3.94 -23.89
CA GLY A 167 9.52 3.28 -25.16
C GLY A 167 9.89 1.80 -25.09
N LYS A 168 9.58 1.14 -23.96
CA LYS A 168 9.83 -0.29 -23.80
C LYS A 168 8.49 -1.05 -23.84
N ASP A 169 8.55 -2.39 -23.97
CA ASP A 169 7.36 -3.22 -24.05
C ASP A 169 7.19 -3.84 -22.70
N VAL A 170 5.99 -3.75 -22.14
CA VAL A 170 5.75 -4.25 -20.79
C VAL A 170 4.49 -5.10 -20.76
N VAL A 171 4.39 -5.92 -19.74
CA VAL A 171 3.26 -6.73 -19.43
C VAL A 171 2.59 -6.24 -18.14
N VAL A 172 1.28 -6.20 -18.12
CA VAL A 172 0.49 -5.94 -16.93
C VAL A 172 -0.33 -7.17 -16.65
N VAL A 173 -0.31 -7.65 -15.41
CA VAL A 173 -1.05 -8.83 -15.03
C VAL A 173 -2.23 -8.41 -14.17
N GLY A 174 -3.42 -8.85 -14.57
CA GLY A 174 -4.64 -8.61 -13.81
C GLY A 174 -5.76 -8.17 -14.71
N GLY A 175 -6.95 -8.06 -14.15
CA GLY A 175 -8.10 -7.70 -14.96
C GLY A 175 -9.21 -6.97 -14.24
N GLY A 176 -8.90 -6.41 -13.08
CA GLY A 176 -9.84 -5.60 -12.33
C GLY A 176 -9.59 -4.14 -12.64
N ASN A 177 -10.23 -3.26 -11.87
CA ASN A 177 -10.04 -1.83 -12.10
C ASN A 177 -8.58 -1.39 -11.95
N THR A 178 -7.87 -1.97 -11.00
CA THR A 178 -6.44 -1.66 -10.79
C THR A 178 -5.63 -1.98 -12.07
N ALA A 179 -5.82 -3.17 -12.62
CA ALA A 179 -5.05 -3.54 -13.82
C ALA A 179 -5.38 -2.63 -14.98
N VAL A 180 -6.67 -2.30 -15.15
CA VAL A 180 -7.07 -1.43 -16.23
C VAL A 180 -6.47 -0.05 -16.07
N GLU A 181 -6.50 0.47 -14.84
CA GLU A 181 -5.90 1.76 -14.54
CA GLU A 181 -5.87 1.75 -14.52
C GLU A 181 -4.38 1.75 -14.79
N GLU A 182 -3.70 0.72 -14.29
CA GLU A 182 -2.23 0.62 -14.42
C GLU A 182 -1.83 0.52 -15.90
N ALA A 183 -2.55 -0.31 -16.65
CA ALA A 183 -2.30 -0.47 -18.09
C ALA A 183 -2.56 0.79 -18.85
N LEU A 184 -3.65 1.50 -18.52
CA LEU A 184 -3.92 2.75 -19.21
C LEU A 184 -2.81 3.75 -18.94
N TYR A 185 -2.37 3.87 -17.70
CA TYR A 185 -1.25 4.74 -17.35
C TYR A 185 0.00 4.36 -18.14
N LEU A 186 0.35 3.09 -18.11
CA LEU A 186 1.52 2.67 -18.85
C LEU A 186 1.39 2.82 -20.40
N SER A 187 0.18 2.76 -20.95
CA SER A 187 -0.01 2.83 -22.41
C SER A 187 0.47 4.16 -22.99
N HIS A 188 0.46 5.19 -22.13
CA HIS A 188 0.90 6.54 -22.50
C HIS A 188 2.43 6.70 -22.41
N ILE A 189 3.12 5.76 -21.75
CA ILE A 189 4.55 5.83 -21.50
C ILE A 189 5.33 4.74 -22.29
N ALA A 190 4.89 3.49 -22.13
CA ALA A 190 5.57 2.37 -22.77
C ALA A 190 5.27 2.35 -24.26
N LYS A 191 6.18 1.74 -25.02
CA LYS A 191 5.95 1.50 -26.43
C LYS A 191 4.75 0.59 -26.63
N SER A 192 4.63 -0.42 -25.78
CA SER A 192 3.46 -1.30 -25.81
C SER A 192 3.18 -1.89 -24.45
N VAL A 193 1.91 -2.26 -24.28
CA VAL A 193 1.42 -2.91 -23.10
C VAL A 193 0.66 -4.17 -23.50
N THR A 194 1.04 -5.29 -22.89
CA THR A 194 0.31 -6.55 -23.07
C THR A 194 -0.31 -6.93 -21.73
N ILE A 195 -1.62 -6.98 -21.66
CA ILE A 195 -2.30 -7.35 -20.44
C ILE A 195 -2.63 -8.83 -20.46
N VAL A 196 -2.39 -9.49 -19.33
CA VAL A 196 -2.57 -10.92 -19.22
C VAL A 196 -3.56 -11.09 -18.09
N HIS A 197 -4.68 -11.76 -18.35
CA HIS A 197 -5.72 -11.93 -17.33
C HIS A 197 -6.33 -13.31 -17.44
N ARG A 198 -6.68 -13.90 -16.29
CA ARG A 198 -7.08 -15.28 -16.23
C ARG A 198 -8.50 -15.49 -16.69
N ARG A 199 -9.28 -14.43 -16.85
CA ARG A 199 -10.65 -14.56 -17.33
C ARG A 199 -10.75 -14.13 -18.79
N ASP A 200 -11.94 -14.22 -19.35
CA ASP A 200 -12.18 -13.97 -20.77
C ASP A 200 -12.44 -12.52 -21.05
N GLY A 201 -12.55 -11.72 -20.00
CA GLY A 201 -12.85 -10.32 -20.11
C GLY A 201 -12.47 -9.62 -18.82
N PHE A 202 -12.45 -8.31 -18.85
CA PHE A 202 -12.15 -7.54 -17.65
C PHE A 202 -13.33 -7.53 -16.72
N ARG A 203 -13.05 -7.38 -15.43
CA ARG A 203 -14.05 -7.19 -14.38
C ARG A 203 -13.83 -5.78 -13.89
N ALA A 204 -14.03 -4.83 -14.79
CA ALA A 204 -13.80 -3.40 -14.55
C ALA A 204 -14.88 -2.59 -15.23
N GLU A 205 -15.01 -1.33 -14.82
CA GLU A 205 -16.01 -0.42 -15.39
C GLU A 205 -15.89 -0.42 -16.90
N LYS A 206 -17.01 -0.58 -17.59
CA LYS A 206 -17.03 -0.73 -19.05
C LYS A 206 -16.42 0.46 -19.81
N ILE A 207 -16.60 1.69 -19.31
CA ILE A 207 -16.08 2.86 -20.03
CA ILE A 207 -16.08 2.87 -20.00
C ILE A 207 -14.54 2.81 -20.00
N MET A 208 -13.97 2.47 -18.85
CA MET A 208 -12.51 2.38 -18.69
C MET A 208 -11.92 1.26 -19.57
N GLN A 209 -12.57 0.10 -19.54
CA GLN A 209 -12.13 -1.06 -20.33
C GLN A 209 -12.12 -0.75 -21.82
N ASP A 210 -13.18 -0.13 -22.31
CA ASP A 210 -13.27 0.26 -23.73
C ASP A 210 -12.16 1.23 -24.12
N ARG A 211 -11.91 2.17 -23.23
CA ARG A 211 -10.88 3.17 -23.45
C ARG A 211 -9.51 2.49 -23.53
N LEU A 212 -9.24 1.54 -22.65
CA LEU A 212 -7.93 0.88 -22.66
C LEU A 212 -7.70 0.04 -23.95
N LEU A 213 -8.72 -0.74 -24.30
CA LEU A 213 -8.62 -1.71 -25.40
C LEU A 213 -8.54 -1.03 -26.74
N SER A 214 -9.07 0.18 -26.83
CA SER A 214 -9.00 0.94 -28.06
C SER A 214 -7.63 1.58 -28.33
N ARG A 215 -6.75 1.62 -27.33
CA ARG A 215 -5.41 2.12 -27.56
C ARG A 215 -4.68 1.19 -28.57
N GLU A 216 -3.99 1.78 -29.55
CA GLU A 216 -3.30 1.01 -30.62
C GLU A 216 -2.10 0.22 -30.10
N ASN A 217 -1.55 0.63 -28.96
CA ASN A 217 -0.37 -0.04 -28.43
C ASN A 217 -0.67 -1.01 -27.26
N VAL A 218 -1.90 -1.44 -27.16
CA VAL A 218 -2.36 -2.32 -26.08
C VAL A 218 -2.89 -3.61 -26.67
N SER A 219 -2.43 -4.74 -26.15
CA SER A 219 -3.02 -6.01 -26.53
C SER A 219 -3.35 -6.79 -25.29
N VAL A 220 -4.16 -7.84 -25.43
CA VAL A 220 -4.59 -8.63 -24.28
C VAL A 220 -4.44 -10.11 -24.58
N VAL A 221 -4.07 -10.87 -23.57
CA VAL A 221 -4.03 -12.32 -23.64
C VAL A 221 -4.97 -12.80 -22.56
N TRP A 222 -6.14 -13.26 -22.98
CA TRP A 222 -7.19 -13.65 -22.06
C TRP A 222 -6.99 -15.10 -21.65
N ASN A 223 -7.70 -15.50 -20.59
CA ASN A 223 -7.78 -16.86 -20.07
C ASN A 223 -6.39 -17.41 -19.75
N SER A 224 -5.49 -16.53 -19.31
CA SER A 224 -4.09 -16.92 -19.10
C SER A 224 -3.50 -16.36 -17.83
N VAL A 225 -2.42 -16.99 -17.41
CA VAL A 225 -1.67 -16.60 -16.23
C VAL A 225 -0.20 -16.55 -16.59
N ILE A 226 0.58 -15.82 -15.77
CA ILE A 226 2.03 -15.93 -15.79
C ILE A 226 2.49 -17.21 -15.16
N ASP A 227 3.09 -18.09 -15.96
CA ASP A 227 3.63 -19.35 -15.45
C ASP A 227 5.02 -19.09 -14.85
N GLU A 228 5.78 -18.18 -15.46
CA GLU A 228 7.12 -17.84 -14.96
C GLU A 228 7.59 -16.56 -15.60
N ILE A 229 8.35 -15.77 -14.83
CA ILE A 229 9.00 -14.59 -15.35
C ILE A 229 10.46 -14.98 -15.66
N LEU A 230 10.89 -14.70 -16.88
CA LEU A 230 12.19 -15.13 -17.44
C LEU A 230 13.14 -13.96 -17.52
N GLY A 231 14.43 -14.23 -17.39
CA GLY A 231 15.39 -13.18 -17.48
C GLY A 231 16.80 -13.64 -17.26
N THR A 232 17.68 -12.69 -16.96
CA THR A 232 19.11 -12.97 -16.93
C THR A 232 19.47 -13.46 -15.53
N GLU A 233 20.70 -13.98 -15.35
CA GLU A 233 21.22 -14.34 -14.01
C GLU A 233 21.44 -13.08 -13.14
N ALA A 234 21.34 -13.24 -11.83
CA ALA A 234 21.56 -12.13 -10.90
C ALA A 234 23.07 -11.88 -10.76
N ARG A 235 23.58 -10.83 -11.39
CA ARG A 235 25.02 -10.51 -11.36
C ARG A 235 25.45 -9.71 -10.12
N GLY A 239 21.71 -6.69 -10.96
CA GLY A 239 20.61 -7.58 -10.58
C GLY A 239 20.06 -8.38 -11.74
N ALA A 240 19.31 -9.44 -11.43
CA ALA A 240 18.60 -10.20 -12.43
C ALA A 240 17.58 -9.29 -13.12
N THR A 241 17.55 -9.35 -14.44
CA THR A 241 16.79 -8.45 -15.28
C THR A 241 15.79 -9.23 -16.16
N VAL A 242 14.55 -8.78 -16.15
CA VAL A 242 13.51 -9.43 -16.94
C VAL A 242 13.76 -9.34 -18.44
N THR A 243 13.59 -10.47 -19.15
CA THR A 243 13.60 -10.45 -20.59
C THR A 243 12.41 -11.09 -21.25
N GLY A 244 11.58 -11.77 -20.48
CA GLY A 244 10.37 -12.42 -21.04
C GLY A 244 9.48 -13.01 -19.99
N VAL A 245 8.37 -13.58 -20.45
CA VAL A 245 7.44 -14.31 -19.63
C VAL A 245 6.98 -15.59 -20.37
N ARG A 246 6.68 -16.59 -19.60
CA ARG A 246 5.96 -17.73 -20.06
C ARG A 246 4.52 -17.60 -19.55
N LEU A 247 3.59 -17.65 -20.49
CA LEU A 247 2.16 -17.60 -20.20
C LEU A 247 1.56 -18.99 -20.33
N LYS A 248 0.56 -19.26 -19.50
CA LYS A 248 -0.21 -20.51 -19.62
C LYS A 248 -1.67 -20.19 -19.79
N ASN A 249 -2.30 -20.76 -20.82
CA ASN A 249 -3.77 -20.73 -20.97
C ASN A 249 -4.34 -21.65 -19.91
N ILE A 250 -5.19 -21.14 -19.04
CA ILE A 250 -5.69 -21.96 -17.93
C ILE A 250 -6.90 -22.83 -18.33
N VAL A 251 -7.35 -22.73 -19.57
CA VAL A 251 -8.39 -23.63 -20.11
C VAL A 251 -7.72 -24.88 -20.67
N THR A 252 -6.67 -24.72 -21.45
CA THR A 252 -6.04 -25.83 -22.18
C THR A 252 -4.74 -26.29 -21.54
N GLY A 253 -4.13 -25.43 -20.75
CA GLY A 253 -2.77 -25.69 -20.23
C GLY A 253 -1.63 -25.41 -21.19
N GLU A 254 -1.91 -25.00 -22.42
CA GLU A 254 -0.88 -24.71 -23.37
C GLU A 254 -0.08 -23.48 -22.93
N THR A 255 1.22 -23.49 -23.16
CA THR A 255 2.07 -22.39 -22.77
C THR A 255 2.63 -21.75 -23.98
N GLN A 256 3.04 -20.50 -23.82
CA GLN A 256 3.78 -19.80 -24.82
C GLN A 256 4.73 -18.85 -24.15
N GLU A 257 5.83 -18.56 -24.83
CA GLU A 257 6.80 -17.65 -24.26
C GLU A 257 6.94 -16.42 -25.10
N ARG A 258 7.11 -15.27 -24.43
CA ARG A 258 7.26 -14.00 -25.13
C ARG A 258 8.29 -13.13 -24.48
N ALA A 259 8.91 -12.30 -25.29
CA ALA A 259 9.86 -11.28 -24.84
C ALA A 259 9.08 -10.14 -24.18
N THR A 260 9.67 -9.57 -23.16
CA THR A 260 9.16 -8.35 -22.55
C THR A 260 10.30 -7.67 -21.81
N HIS A 261 10.15 -6.37 -21.51
CA HIS A 261 11.14 -5.64 -20.71
C HIS A 261 10.71 -5.40 -19.29
N GLY A 262 9.41 -5.54 -18.98
CA GLY A 262 8.95 -5.31 -17.62
C GLY A 262 7.59 -5.95 -17.37
N VAL A 263 7.35 -6.33 -16.13
CA VAL A 263 6.13 -6.97 -15.72
C VAL A 263 5.56 -6.24 -14.51
N PHE A 264 4.34 -5.75 -14.66
CA PHE A 264 3.64 -5.02 -13.60
C PHE A 264 2.53 -5.90 -13.08
N ILE A 265 2.62 -6.23 -11.81
CA ILE A 265 1.63 -7.07 -11.18
C ILE A 265 0.52 -6.15 -10.62
N ALA A 266 -0.69 -6.29 -11.14
CA ALA A 266 -1.81 -5.35 -10.86
C ALA A 266 -3.08 -6.11 -10.55
N ILE A 267 -2.95 -7.03 -9.61
CA ILE A 267 -4.08 -7.88 -9.25
C ILE A 267 -4.83 -7.37 -8.02
N GLY A 268 -4.42 -6.24 -7.47
CA GLY A 268 -5.17 -5.65 -6.36
C GLY A 268 -4.33 -5.57 -5.10
N HIS A 269 -4.94 -5.00 -4.06
CA HIS A 269 -4.25 -4.76 -2.80
C HIS A 269 -5.08 -5.37 -1.67
N ALA A 270 -4.46 -5.60 -0.52
CA ALA A 270 -5.14 -6.24 0.60
C ALA A 270 -5.12 -5.29 1.78
N PRO A 271 -6.18 -4.48 1.95
CA PRO A 271 -6.14 -3.58 3.09
C PRO A 271 -6.04 -4.34 4.40
N ALA A 272 -5.29 -3.81 5.33
CA ALA A 272 -5.00 -4.53 6.58
C ALA A 272 -6.10 -4.20 7.58
N VAL A 273 -7.22 -4.89 7.43
CA VAL A 273 -8.44 -4.54 8.12
C VAL A 273 -8.98 -5.65 9.00
N SER A 274 -8.24 -6.72 9.18
CA SER A 274 -8.73 -7.87 9.95
C SER A 274 -9.07 -7.49 11.39
N LEU A 275 -8.42 -6.49 11.97
CA LEU A 275 -8.78 -6.03 13.34
C LEU A 275 -10.17 -5.36 13.41
N PHE A 276 -10.65 -4.86 12.27
CA PHE A 276 -11.78 -3.92 12.26
C PHE A 276 -13.02 -4.44 11.58
N GLU A 277 -12.92 -5.61 10.97
CA GLU A 277 -14.05 -6.25 10.31
C GLU A 277 -15.19 -6.45 11.28
N GLY A 278 -16.36 -5.93 10.94
CA GLY A 278 -17.54 -5.98 11.78
C GLY A 278 -17.58 -4.90 12.84
N LYS A 279 -16.50 -4.10 12.98
CA LYS A 279 -16.43 -3.04 14.02
C LYS A 279 -16.41 -1.63 13.46
N LEU A 280 -15.77 -1.44 12.30
CA LEU A 280 -15.75 -0.17 11.60
C LEU A 280 -16.32 -0.30 10.20
N LYS A 281 -16.96 0.74 9.76
CA LYS A 281 -17.51 0.77 8.41
C LYS A 281 -16.39 0.54 7.37
N GLN A 282 -16.70 -0.35 6.41
CA GLN A 282 -15.84 -0.62 5.30
C GLN A 282 -16.51 -0.28 4.00
N LYS A 283 -15.70 0.08 3.02
CA LYS A 283 -16.16 0.28 1.65
C LYS A 283 -16.34 -1.09 1.04
N PRO A 284 -17.06 -1.16 -0.09
CA PRO A 284 -17.43 -2.48 -0.63
C PRO A 284 -16.24 -3.37 -0.92
N ASN A 285 -15.09 -2.78 -1.26
CA ASN A 285 -13.89 -3.54 -1.50
C ASN A 285 -13.03 -3.90 -0.28
N GLY A 286 -13.48 -3.61 0.94
CA GLY A 286 -12.73 -3.98 2.14
C GLY A 286 -11.96 -2.85 2.81
N TYR A 287 -11.66 -1.78 2.06
CA TYR A 287 -10.96 -0.67 2.63
C TYR A 287 -11.79 -0.01 3.75
N LEU A 288 -11.12 0.54 4.75
CA LEU A 288 -11.84 1.28 5.77
C LEU A 288 -12.48 2.53 5.19
N TRP A 289 -13.74 2.76 5.54
CA TRP A 289 -14.42 3.99 5.18
C TRP A 289 -13.95 5.12 6.07
N THR A 290 -13.67 6.25 5.45
CA THR A 290 -13.50 7.48 6.22
C THR A 290 -14.36 8.58 5.59
N ALA A 291 -14.67 9.59 6.38
CA ALA A 291 -15.49 10.74 5.97
C ALA A 291 -14.76 11.51 4.85
N PRO A 292 -15.52 12.25 4.03
CA PRO A 292 -14.87 13.12 3.01
C PRO A 292 -13.87 14.11 3.59
N ASP A 293 -12.73 14.20 2.94
CA ASP A 293 -11.69 15.19 3.27
C ASP A 293 -11.28 15.06 4.74
N SER A 294 -11.24 13.82 5.20
CA SER A 294 -11.08 13.51 6.61
C SER A 294 -10.58 12.10 6.80
N THR A 295 -10.07 11.80 7.98
CA THR A 295 -9.65 10.48 8.40
C THR A 295 -10.61 9.87 9.42
N ALA A 296 -11.70 10.57 9.74
CA ALA A 296 -12.70 10.04 10.66
C ALA A 296 -13.37 8.80 10.12
N THR A 297 -13.35 7.74 10.91
CA THR A 297 -14.14 6.53 10.66
C THR A 297 -15.54 6.75 11.20
N ASP A 298 -16.35 5.70 11.22
CA ASP A 298 -17.71 5.84 11.73
C ASP A 298 -17.79 5.75 13.27
N VAL A 299 -16.64 5.63 13.93
CA VAL A 299 -16.58 5.70 15.41
C VAL A 299 -15.81 6.95 15.81
N PRO A 300 -16.46 7.92 16.49
CA PRO A 300 -15.75 9.11 16.92
C PRO A 300 -14.53 8.77 17.77
N GLY A 301 -13.39 9.41 17.45
CA GLY A 301 -12.13 9.14 18.10
C GLY A 301 -11.26 8.08 17.52
N ILE A 302 -11.76 7.39 16.49
CA ILE A 302 -10.96 6.43 15.71
C ILE A 302 -10.82 7.00 14.29
N PHE A 303 -9.57 7.20 13.90
CA PHE A 303 -9.21 7.76 12.61
C PHE A 303 -8.41 6.74 11.83
N ALA A 304 -8.48 6.82 10.49
CA ALA A 304 -7.75 5.91 9.66
C ALA A 304 -7.03 6.71 8.55
N ALA A 305 -5.76 6.40 8.34
CA ALA A 305 -4.92 7.20 7.45
C ALA A 305 -4.09 6.29 6.58
N GLY A 306 -3.96 6.65 5.30
CA GLY A 306 -3.08 5.94 4.43
C GLY A 306 -3.80 4.87 3.65
N ASP A 307 -3.03 3.93 3.14
CA ASP A 307 -3.54 2.97 2.22
C ASP A 307 -4.58 2.02 2.77
N VAL A 308 -4.73 1.91 4.09
CA VAL A 308 -5.86 1.19 4.63
C VAL A 308 -7.24 1.79 4.27
N THR A 309 -7.29 3.08 3.94
CA THR A 309 -8.52 3.70 3.54
C THR A 309 -8.47 4.22 2.10
N ASP A 310 -7.27 4.58 1.62
CA ASP A 310 -7.12 5.23 0.31
C ASP A 310 -6.86 4.18 -0.72
N ASP A 311 -7.91 3.87 -1.47
CA ASP A 311 -7.81 2.95 -2.60
C ASP A 311 -7.68 3.69 -3.94
N ILE A 312 -7.32 4.97 -3.92
CA ILE A 312 -7.38 5.79 -5.14
C ILE A 312 -5.99 6.27 -5.53
N TYR A 313 -5.25 6.82 -4.58
CA TYR A 313 -3.92 7.41 -4.85
C TYR A 313 -2.77 6.48 -4.52
N ARG A 314 -2.73 5.97 -3.29
CA ARG A 314 -1.80 4.90 -2.91
C ARG A 314 -0.30 5.28 -3.02
N GLN A 315 0.05 6.44 -2.57
CA GLN A 315 1.42 6.94 -2.59
C GLN A 315 1.89 7.27 -1.19
N ALA A 316 3.22 7.29 -1.03
CA ALA A 316 3.79 7.66 0.25
C ALA A 316 3.41 9.07 0.67
N VAL A 317 3.41 10.01 -0.25
CA VAL A 317 3.13 11.37 0.14
C VAL A 317 1.65 11.58 0.50
N THR A 318 0.76 10.90 -0.19
CA THR A 318 -0.67 10.96 0.15
C THR A 318 -0.91 10.25 1.47
N ALA A 319 -0.23 9.14 1.70
CA ALA A 319 -0.30 8.45 2.98
C ALA A 319 0.22 9.36 4.12
N ALA A 320 1.35 10.05 3.92
CA ALA A 320 1.89 11.00 4.91
C ALA A 320 0.93 12.14 5.15
N GLY A 321 0.37 12.68 4.08
CA GLY A 321 -0.65 13.73 4.23
C GLY A 321 -1.83 13.30 5.08
N MET A 322 -2.33 12.09 4.85
CA MET A 322 -3.44 11.57 5.69
C MET A 322 -3.04 11.37 7.14
N GLY A 323 -1.79 10.98 7.38
CA GLY A 323 -1.30 10.82 8.74
C GLY A 323 -1.34 12.15 9.47
N CYS A 324 -0.92 13.19 8.79
CA CYS A 324 -1.01 14.55 9.31
C CYS A 324 -2.47 14.87 9.67
N MET A 325 -3.35 14.67 8.72
CA MET A 325 -4.77 14.96 8.91
C MET A 325 -5.27 14.22 10.14
N ALA A 326 -4.94 12.93 10.28
CA ALA A 326 -5.43 12.17 11.42
C ALA A 326 -4.97 12.74 12.77
N ALA A 327 -3.72 13.16 12.85
CA ALA A 327 -3.20 13.73 14.09
C ALA A 327 -3.90 15.03 14.41
N LEU A 328 -4.08 15.90 13.42
CA LEU A 328 -4.77 17.17 13.65
C LEU A 328 -6.23 16.94 14.02
N GLU A 329 -6.88 15.96 13.39
CA GLU A 329 -8.26 15.68 13.73
C GLU A 329 -8.38 15.07 15.11
N ALA A 330 -7.44 14.19 15.43
CA ALA A 330 -7.40 13.54 16.74
C ALA A 330 -7.23 14.59 17.81
N GLU A 331 -6.33 15.53 17.55
CA GLU A 331 -6.08 16.60 18.53
C GLU A 331 -7.35 17.45 18.77
N ARG A 332 -8.03 17.82 17.68
CA ARG A 332 -9.29 18.60 17.74
C ARG A 332 -10.39 17.85 18.44
N TRP A 333 -10.49 16.56 18.17
CA TRP A 333 -11.47 15.74 18.81
C TRP A 333 -11.24 15.58 20.31
N LEU A 334 -10.00 15.32 20.70
CA LEU A 334 -9.64 15.20 22.10
C LEU A 334 -9.96 16.50 22.86
N ALA A 335 -9.70 17.63 22.22
CA ALA A 335 -10.01 18.92 22.85
C ALA A 335 -11.51 19.04 23.07
N ALA A 336 -12.29 18.50 22.15
CA ALA A 336 -13.73 18.56 22.24
C ALA A 336 -14.27 17.64 23.34
N GLN A 337 -13.53 16.63 23.74
CA GLN A 337 -13.96 15.71 24.79
C GLN A 337 -13.73 16.28 26.17
N GLU A 338 -12.66 17.07 26.33
CA GLU A 338 -12.28 17.66 27.62
C GLU A 338 -13.40 18.54 28.17
PA FDA B . 2.36 0.93 4.96
O1A FDA B . 1.96 -0.34 4.26
O2A FDA B . 3.63 1.59 4.47
O5B FDA B . 2.61 0.60 6.52
C5B FDA B . 1.68 -0.19 7.25
C4B FDA B . 2.23 -0.35 8.66
O4B FDA B . 1.18 -0.90 9.44
C3B FDA B . 3.40 -1.31 8.79
O3B FDA B . 4.44 -0.70 9.53
C2B FDA B . 2.83 -2.56 9.48
O2B FDA B . 3.85 -3.22 10.23
C1B FDA B . 1.70 -1.92 10.28
N9A FDA B . 0.64 -2.84 10.70
C8A FDA B . -0.22 -3.59 9.96
N7A FDA B . -0.97 -4.35 10.80
C5A FDA B . -0.59 -4.09 12.07
C6A FDA B . -0.97 -4.53 13.41
N6A FDA B . -1.96 -5.44 13.52
N1A FDA B . -0.30 -3.99 14.46
C2A FDA B . 0.68 -3.10 14.30
N3A FDA B . 1.09 -2.64 13.10
C4A FDA B . 0.47 -3.10 11.99
N1 FDA B . 4.84 4.92 -3.11
C2 FDA B . 5.50 6.04 -3.45
O2 FDA B . 4.93 7.10 -3.16
N3 FDA B . 6.70 6.02 -4.11
C4 FDA B . 7.29 4.87 -4.48
O4 FDA B . 8.41 4.80 -5.10
C4X FDA B . 6.63 3.61 -4.11
N5 FDA B . 7.16 2.40 -4.42
C5X FDA B . 6.54 1.26 -4.13
C6 FDA B . 7.13 0.04 -4.49
C7 FDA B . 6.50 -1.17 -4.19
C7M FDA B . 7.15 -2.48 -4.56
C8 FDA B . 5.21 -1.16 -3.51
C8M FDA B . 4.52 -2.47 -3.20
C9 FDA B . 4.59 0.06 -3.16
C9A FDA B . 5.21 1.27 -3.45
N10 FDA B . 4.64 2.53 -3.08
C10 FDA B . 5.32 3.70 -3.40
C1' FDA B . 3.33 2.64 -2.37
C2' FDA B . 3.61 2.87 -0.89
O2' FDA B . 4.37 1.74 -0.43
C3' FDA B . 2.33 2.97 -0.06
O3' FDA B . 1.56 4.02 -0.62
C4' FDA B . 2.67 3.31 1.35
O4' FDA B . 3.61 2.37 1.89
C5' FDA B . 1.43 3.37 2.21
O5' FDA B . 1.82 3.87 3.46
P FDA B . 0.96 3.51 4.78
O1P FDA B . -0.47 3.72 4.46
O2P FDA B . 1.60 4.23 5.90
O3P FDA B . 1.05 1.90 4.90
NA NA C . -11.62 10.22 3.99
#